data_4LSB
#
_entry.id   4LSB
#
_cell.length_a   53.060
_cell.length_b   70.030
_cell.length_c   141.860
_cell.angle_alpha   90.00
_cell.angle_beta   90.00
_cell.angle_gamma   90.00
#
_symmetry.space_group_name_H-M   'P 21 21 21'
#
loop_
_entity.id
_entity.type
_entity.pdbx_description
1 polymer lyase/mutase
2 non-polymer 'MAGNESIUM ION'
3 non-polymer 'CHLORIDE ION'
4 water water
#
_entity_poly.entity_id   1
_entity_poly.type   'polypeptide(L)'
_entity_poly.pdbx_seq_one_letter_code
;MAHHHHHHMIRSDLQARHAEAFRALHTRPGAFIIPNPWDAGTARLLAMAGFEALATTSAGYAFSKGQPDNAIDRDAMLDH
IADLVAAGGLPVSADLENGFGDAPGTVAETIRLAAEAGAVGGSIEDATGRADTPIYARDASVERIAAAVDAARALPFPFT
LTARCENYLHGRRDLDDTIARLVAYRDAGADVLYAPGITDADEIAAVTRAVGAPVNVVMGLQGGLLSLDELAALGVKRVS
VGGALARAALGAFLRAATEMRRDGTFTFTQAAVPGRDINRWFAAPDNSPILFDE
;
_entity_poly.pdbx_strand_id   A,B
#
# COMPACT_ATOMS: atom_id res chain seq x y z
N ASP A 13 21.11 15.70 15.28
CA ASP A 13 21.79 14.61 16.01
C ASP A 13 21.06 13.28 15.85
N LEU A 14 19.74 13.26 15.72
CA LEU A 14 19.01 12.00 15.52
C LEU A 14 19.54 11.25 14.26
N GLN A 15 19.77 11.98 13.18
CA GLN A 15 20.30 11.35 11.96
C GLN A 15 21.71 10.87 12.21
N ALA A 16 22.49 11.61 13.00
CA ALA A 16 23.86 11.14 13.33
C ALA A 16 23.86 9.85 14.17
N ARG A 17 22.95 9.75 15.15
CA ARG A 17 22.82 8.55 15.98
C ARG A 17 22.37 7.35 15.10
N HIS A 18 21.40 7.56 14.23
CA HIS A 18 20.99 6.49 13.29
C HIS A 18 22.07 6.03 12.36
N ALA A 19 22.86 6.98 11.84
CA ALA A 19 23.96 6.66 10.93
C ALA A 19 24.98 5.80 11.66
N GLU A 20 25.27 6.12 12.92
CA GLU A 20 26.21 5.31 13.71
C GLU A 20 25.63 3.94 13.99
N ALA A 21 24.37 3.92 14.37
CA ALA A 21 23.70 2.64 14.59
C ALA A 21 23.72 1.72 13.34
N PHE A 22 23.51 2.32 12.18
CA PHE A 22 23.49 1.60 10.92
C PHE A 22 24.87 1.11 10.51
N ARG A 23 25.86 1.97 10.66
CA ARG A 23 27.25 1.55 10.44
C ARG A 23 27.55 0.36 11.36
N ALA A 24 27.14 0.43 12.62
CA ALA A 24 27.47 -0.63 13.56
C ALA A 24 26.86 -1.99 13.27
N LEU A 25 25.66 -1.98 12.70
CA LEU A 25 25.06 -3.23 12.26
C LEU A 25 25.97 -4.02 11.33
N HIS A 26 26.77 -3.32 10.54
CA HIS A 26 27.58 -3.93 9.50
C HIS A 26 28.91 -4.46 10.04
N THR A 27 29.36 -3.85 11.14
CA THR A 27 30.65 -4.19 11.73
C THR A 27 30.52 -5.19 12.85
N ARG A 28 29.32 -5.38 13.39
CA ARG A 28 29.16 -6.37 14.42
C ARG A 28 29.19 -7.77 13.76
N PRO A 29 29.54 -8.81 14.53
CA PRO A 29 29.64 -10.14 13.89
C PRO A 29 28.29 -10.70 13.44
N GLY A 30 28.29 -11.55 12.42
CA GLY A 30 27.09 -12.25 12.00
C GLY A 30 26.33 -11.39 11.01
N ALA A 31 25.08 -11.74 10.74
CA ALA A 31 24.35 -11.10 9.66
C ALA A 31 23.09 -10.50 10.23
N PHE A 32 22.52 -9.58 9.49
CA PHE A 32 21.23 -9.03 9.86
C PHE A 32 20.32 -8.86 8.68
N ILE A 33 19.03 -8.86 8.99
CA ILE A 33 17.99 -8.62 7.97
C ILE A 33 17.62 -7.15 7.92
N ILE A 34 17.64 -6.59 6.71
CA ILE A 34 17.08 -5.26 6.50
C ILE A 34 15.80 -5.40 5.66
N PRO A 35 14.63 -5.34 6.33
CA PRO A 35 13.39 -5.49 5.58
C PRO A 35 12.96 -4.23 4.81
N ASN A 36 12.07 -4.44 3.83
CA ASN A 36 11.72 -3.39 2.88
C ASN A 36 10.24 -3.00 2.92
N PRO A 37 9.88 -2.04 3.77
CA PRO A 37 8.53 -1.47 3.71
C PRO A 37 8.37 -0.62 2.45
N TRP A 38 7.12 -0.26 2.08
CA TRP A 38 6.77 0.57 0.92
C TRP A 38 5.74 1.69 1.29
N ASP A 39 5.41 1.82 2.57
CA ASP A 39 4.60 2.92 3.05
C ASP A 39 4.80 3.15 4.57
N ALA A 40 4.12 4.16 5.11
CA ALA A 40 4.35 4.56 6.50
C ALA A 40 3.91 3.44 7.45
N GLY A 41 2.78 2.81 7.16
CA GLY A 41 2.28 1.78 7.99
C GLY A 41 3.20 0.57 8.04
N THR A 42 3.68 0.14 6.88
CA THR A 42 4.54 -1.04 6.85
C THR A 42 5.85 -0.66 7.56
N ALA A 43 6.29 0.61 7.44
CA ALA A 43 7.49 1.05 8.19
C ALA A 43 7.28 0.93 9.69
N ARG A 44 6.16 1.47 10.19
CA ARG A 44 5.87 1.39 11.64
C ARG A 44 5.83 -0.05 12.11
N LEU A 45 5.13 -0.90 11.38
CA LEU A 45 5.00 -2.32 11.77
C LEU A 45 6.30 -3.04 11.82
N LEU A 46 7.20 -2.79 10.86
CA LEU A 46 8.51 -3.44 10.95
C LEU A 46 9.30 -2.97 12.18
N ALA A 47 9.20 -1.68 12.49
CA ALA A 47 9.84 -1.17 13.67
C ALA A 47 9.23 -1.84 14.92
N MET A 48 7.90 -1.95 14.97
CA MET A 48 7.25 -2.68 16.08
C MET A 48 7.64 -4.15 16.17
N ALA A 49 7.97 -4.76 15.03
CA ALA A 49 8.38 -6.17 14.99
C ALA A 49 9.81 -6.37 15.46
N GLY A 50 10.53 -5.27 15.70
CA GLY A 50 11.88 -5.31 16.31
C GLY A 50 13.05 -5.28 15.35
N PHE A 51 12.79 -4.98 14.08
CA PHE A 51 13.91 -4.79 13.13
C PHE A 51 14.69 -3.55 13.51
N GLU A 52 15.97 -3.53 13.15
CA GLU A 52 16.89 -2.50 13.57
C GLU A 52 17.20 -1.44 12.50
N ALA A 53 16.81 -1.72 11.24
CA ALA A 53 16.93 -0.74 10.18
C ALA A 53 15.93 -1.09 9.07
N LEU A 54 15.65 -0.15 8.18
CA LEU A 54 14.75 -0.33 7.05
C LEU A 54 15.40 0.08 5.75
N ALA A 55 15.00 -0.59 4.66
CA ALA A 55 15.45 -0.25 3.35
C ALA A 55 14.25 0.03 2.47
N THR A 56 14.30 1.14 1.75
CA THR A 56 13.26 1.37 0.73
C THR A 56 13.37 0.37 -0.43
N THR A 57 12.30 0.28 -1.19
CA THR A 57 12.25 -0.53 -2.39
C THR A 57 11.63 0.25 -3.54
N SER A 58 12.46 0.55 -4.54
CA SER A 58 12.00 1.14 -5.80
C SER A 58 10.82 0.35 -6.33
N ALA A 59 10.94 -0.96 -6.29
CA ALA A 59 9.93 -1.87 -6.85
C ALA A 59 8.62 -1.75 -6.08
N GLY A 60 8.69 -1.95 -4.75
CA GLY A 60 7.48 -1.95 -3.87
C GLY A 60 6.77 -0.64 -3.95
N TYR A 61 7.53 0.46 -3.94
CA TYR A 61 6.95 1.80 -4.08
C TYR A 61 6.22 2.00 -5.42
N ALA A 62 6.89 1.65 -6.52
CA ALA A 62 6.26 1.67 -7.84
C ALA A 62 4.95 0.88 -7.84
N PHE A 63 4.96 -0.33 -7.31
CA PHE A 63 3.74 -1.13 -7.37
C PHE A 63 2.58 -0.45 -6.59
N SER A 64 2.85 0.19 -5.42
CA SER A 64 1.81 0.94 -4.71
C SER A 64 1.22 2.07 -5.55
N LYS A 65 2.03 2.58 -6.48
CA LYS A 65 1.64 3.62 -7.36
C LYS A 65 1.08 3.14 -8.66
N GLY A 66 0.90 1.85 -8.87
CA GLY A 66 0.35 1.35 -10.09
C GLY A 66 1.32 1.41 -11.25
N GLN A 67 2.62 1.43 -10.93
CA GLN A 67 3.71 1.57 -11.91
C GLN A 67 4.58 0.34 -11.95
N PRO A 68 5.18 0.02 -13.12
CA PRO A 68 6.15 -1.06 -13.11
C PRO A 68 7.42 -0.55 -12.47
N ASP A 69 8.29 -1.47 -12.11
CA ASP A 69 9.55 -1.12 -11.49
C ASP A 69 10.38 -0.21 -12.44
N ASN A 70 11.18 0.70 -11.87
CA ASN A 70 12.05 1.67 -12.63
C ASN A 70 11.27 2.77 -13.40
N ALA A 71 10.02 3.02 -12.98
CA ALA A 71 9.20 4.06 -13.53
C ALA A 71 9.15 5.30 -12.59
N ILE A 72 9.70 5.21 -11.37
CA ILE A 72 9.59 6.31 -10.37
C ILE A 72 10.72 7.34 -10.53
N ASP A 73 10.39 8.61 -10.30
CA ASP A 73 11.37 9.72 -10.47
C ASP A 73 12.09 10.01 -9.15
N ARG A 74 13.20 10.75 -9.19
CA ARG A 74 13.98 11.01 -8.01
C ARG A 74 13.20 11.78 -6.95
N ASP A 75 12.44 12.78 -7.38
CA ASP A 75 11.77 13.65 -6.41
C ASP A 75 10.74 12.86 -5.61
N ALA A 76 10.02 11.98 -6.29
CA ALA A 76 9.11 11.05 -5.62
C ALA A 76 9.80 10.11 -4.64
N MET A 77 10.97 9.58 -4.99
CA MET A 77 11.65 8.73 -4.07
C MET A 77 12.18 9.48 -2.88
N LEU A 78 12.61 10.73 -3.09
CA LEU A 78 13.06 11.56 -1.98
C LEU A 78 11.93 11.82 -0.93
N ASP A 79 10.75 12.16 -1.40
CA ASP A 79 9.59 12.36 -0.50
C ASP A 79 9.30 11.06 0.28
N HIS A 80 9.38 9.95 -0.47
CA HIS A 80 9.13 8.64 0.07
C HIS A 80 10.12 8.24 1.16
N ILE A 81 11.41 8.48 0.93
CA ILE A 81 12.40 8.28 1.99
C ILE A 81 12.07 9.08 3.24
N ALA A 82 11.73 10.36 3.04
CA ALA A 82 11.42 11.20 4.18
C ALA A 82 10.21 10.68 4.93
N ASP A 83 9.22 10.18 4.19
CA ASP A 83 8.00 9.61 4.82
C ASP A 83 8.35 8.41 5.67
N LEU A 84 9.23 7.56 5.15
CA LEU A 84 9.64 6.34 5.85
C LEU A 84 10.61 6.59 7.01
N VAL A 85 11.49 7.59 6.88
CA VAL A 85 12.31 8.00 8.02
C VAL A 85 11.42 8.46 9.16
N ALA A 86 10.41 9.26 8.84
CA ALA A 86 9.54 9.80 9.88
C ALA A 86 8.71 8.70 10.52
N ALA A 87 8.11 7.86 9.70
CA ALA A 87 7.21 6.83 10.20
C ALA A 87 7.94 5.75 10.99
N GLY A 88 9.09 5.29 10.48
CA GLY A 88 9.75 4.17 11.13
C GLY A 88 10.56 4.47 12.38
N GLY A 89 11.18 5.64 12.41
CA GLY A 89 12.07 6.02 13.55
C GLY A 89 13.34 5.21 13.65
N LEU A 90 13.67 4.52 12.55
CA LEU A 90 14.85 3.69 12.40
C LEU A 90 15.75 4.20 11.30
N PRO A 91 17.02 3.74 11.29
CA PRO A 91 17.91 4.08 10.19
C PRO A 91 17.33 3.56 8.89
N VAL A 92 17.42 4.37 7.85
CA VAL A 92 16.90 4.01 6.56
C VAL A 92 18.00 3.99 5.54
N SER A 93 18.08 2.89 4.80
CA SER A 93 18.92 2.80 3.57
C SER A 93 18.02 2.90 2.35
N ALA A 94 18.27 3.92 1.51
CA ALA A 94 17.48 4.19 0.28
C ALA A 94 17.93 3.46 -1.01
N ASP A 95 16.97 2.78 -1.63
CA ASP A 95 17.11 2.27 -3.01
C ASP A 95 17.11 3.48 -3.90
N LEU A 96 18.28 3.83 -4.41
CA LEU A 96 18.43 5.03 -5.22
C LEU A 96 18.65 4.67 -6.70
N GLU A 97 18.27 3.42 -7.05
CA GLU A 97 18.35 2.93 -8.40
C GLU A 97 19.77 3.19 -8.98
N ASN A 98 19.86 3.65 -10.24
CA ASN A 98 21.16 4.01 -10.81
C ASN A 98 21.60 5.47 -10.47
N GLY A 99 21.05 6.05 -9.42
CA GLY A 99 21.23 7.47 -9.09
C GLY A 99 20.35 8.41 -9.94
N PHE A 100 19.42 7.85 -10.71
CA PHE A 100 18.44 8.61 -11.53
C PHE A 100 19.07 9.37 -12.73
N GLY A 101 20.21 8.86 -13.20
CA GLY A 101 20.84 9.36 -14.42
C GLY A 101 22.16 8.63 -14.60
N ASP A 102 22.80 8.90 -15.73
CA ASP A 102 24.07 8.29 -16.10
C ASP A 102 25.27 9.02 -15.52
N ALA A 103 25.15 10.35 -15.35
CA ALA A 103 26.30 11.19 -15.05
C ALA A 103 26.73 11.01 -13.62
N PRO A 104 28.03 10.92 -13.39
CA PRO A 104 28.54 10.87 -12.03
C PRO A 104 28.05 12.01 -11.16
N GLY A 105 27.97 13.20 -11.71
CA GLY A 105 27.50 14.34 -10.96
C GLY A 105 26.02 14.22 -10.57
N THR A 106 25.21 13.62 -11.43
CA THR A 106 23.84 13.29 -11.06
C THR A 106 23.80 12.27 -9.89
N VAL A 107 24.66 11.26 -9.94
CA VAL A 107 24.76 10.27 -8.89
C VAL A 107 25.13 10.96 -7.56
N ALA A 108 26.10 11.87 -7.61
CA ALA A 108 26.60 12.54 -6.41
C ALA A 108 25.49 13.39 -5.74
N GLU A 109 24.70 14.04 -6.59
CA GLU A 109 23.62 14.87 -6.14
C GLU A 109 22.49 14.04 -5.57
N THR A 110 22.29 12.85 -6.14
CA THR A 110 21.30 11.93 -5.61
C THR A 110 21.68 11.51 -4.18
N ILE A 111 22.94 11.18 -3.94
CA ILE A 111 23.41 10.85 -2.59
C ILE A 111 23.17 12.01 -1.62
N ARG A 112 23.58 13.22 -2.02
CA ARG A 112 23.39 14.40 -1.15
C ARG A 112 21.90 14.61 -0.78
N LEU A 113 21.05 14.51 -1.78
CA LEU A 113 19.60 14.67 -1.58
C LEU A 113 19.00 13.57 -0.70
N ALA A 114 19.50 12.34 -0.86
CA ALA A 114 19.01 11.20 -0.08
C ALA A 114 19.32 11.43 1.38
N ALA A 115 20.52 11.91 1.65
CA ALA A 115 20.93 12.24 2.98
C ALA A 115 20.08 13.40 3.54
N GLU A 116 19.85 14.41 2.72
CA GLU A 116 18.96 15.50 3.12
C GLU A 116 17.55 15.00 3.48
N ALA A 117 17.09 13.96 2.78
CA ALA A 117 15.77 13.42 3.06
C ALA A 117 15.73 12.54 4.30
N GLY A 118 16.90 12.29 4.90
CA GLY A 118 16.99 11.58 6.17
C GLY A 118 17.64 10.19 6.11
N ALA A 119 17.96 9.69 4.92
CA ALA A 119 18.61 8.40 4.77
C ALA A 119 20.02 8.45 5.42
N VAL A 120 20.46 7.32 5.96
CA VAL A 120 21.83 7.15 6.41
C VAL A 120 22.63 6.15 5.57
N GLY A 121 21.98 5.64 4.53
CA GLY A 121 22.64 4.90 3.48
C GLY A 121 21.80 4.87 2.21
N GLY A 122 22.40 4.26 1.18
CA GLY A 122 21.66 3.96 0.00
C GLY A 122 22.44 3.27 -1.05
N SER A 123 21.75 2.89 -2.10
CA SER A 123 22.33 2.06 -3.11
C SER A 123 22.33 2.72 -4.47
N ILE A 124 23.46 2.52 -5.16
CA ILE A 124 23.64 2.98 -6.55
C ILE A 124 24.00 1.77 -7.38
N GLU A 125 23.24 1.51 -8.43
CA GLU A 125 23.40 0.30 -9.24
C GLU A 125 23.88 0.64 -10.63
N ASP A 126 24.33 -0.36 -11.36
CA ASP A 126 25.08 -0.12 -12.58
C ASP A 126 24.28 -0.44 -13.84
N ALA A 127 22.97 -0.48 -13.69
CA ALA A 127 22.05 -0.64 -14.86
C ALA A 127 21.67 0.67 -15.54
N THR A 128 21.71 0.63 -16.85
CA THR A 128 21.54 1.87 -17.67
C THR A 128 20.13 2.12 -18.08
N GLY A 129 19.30 1.07 -18.01
CA GLY A 129 17.93 1.16 -18.51
C GLY A 129 17.87 1.11 -20.03
N ARG A 130 18.99 0.85 -20.72
CA ARG A 130 19.01 0.73 -22.18
C ARG A 130 19.12 -0.74 -22.50
N ALA A 131 18.01 -1.34 -22.93
CA ALA A 131 17.88 -2.81 -23.17
C ALA A 131 19.08 -3.45 -23.91
N ASP A 132 19.61 -2.73 -24.87
CA ASP A 132 20.68 -3.25 -25.73
C ASP A 132 22.10 -2.97 -25.19
N THR A 133 22.23 -2.07 -24.20
CA THR A 133 23.51 -1.84 -23.50
C THR A 133 23.21 -1.66 -21.98
N PRO A 134 22.82 -2.76 -21.33
CA PRO A 134 22.10 -2.68 -20.08
C PRO A 134 22.90 -2.38 -18.83
N ILE A 135 24.22 -2.51 -18.91
CA ILE A 135 25.11 -2.29 -17.77
C ILE A 135 26.18 -1.28 -18.22
N TYR A 136 26.46 -0.28 -17.41
CA TYR A 136 27.54 0.69 -17.69
C TYR A 136 28.87 -0.03 -17.94
N ALA A 137 29.66 0.50 -18.85
CA ALA A 137 31.03 0.03 -19.01
C ALA A 137 31.78 0.18 -17.67
N ARG A 138 32.84 -0.60 -17.48
CA ARG A 138 33.53 -0.69 -16.21
C ARG A 138 34.01 0.65 -15.65
N ASP A 139 34.78 1.38 -16.46
CA ASP A 139 35.38 2.64 -16.05
C ASP A 139 34.28 3.64 -15.69
N ALA A 140 33.27 3.73 -16.55
CA ALA A 140 32.12 4.60 -16.29
C ALA A 140 31.41 4.23 -14.96
N SER A 141 31.23 2.93 -14.73
CA SER A 141 30.64 2.45 -13.50
C SER A 141 31.41 2.85 -12.26
N VAL A 142 32.74 2.69 -12.33
CA VAL A 142 33.57 3.03 -11.21
C VAL A 142 33.56 4.52 -10.96
N GLU A 143 33.60 5.30 -12.01
CA GLU A 143 33.52 6.76 -11.87
C GLU A 143 32.25 7.22 -11.17
N ARG A 144 31.16 6.53 -11.46
CA ARG A 144 29.90 6.80 -10.89
C ARG A 144 29.94 6.52 -9.37
N ILE A 145 30.46 5.33 -9.00
CA ILE A 145 30.62 4.99 -7.58
C ILE A 145 31.60 5.94 -6.89
N ALA A 146 32.70 6.31 -7.54
CA ALA A 146 33.60 7.30 -6.97
C ALA A 146 32.92 8.61 -6.58
N ALA A 147 32.04 9.08 -7.44
CA ALA A 147 31.30 10.31 -7.21
C ALA A 147 30.32 10.17 -6.09
N ALA A 148 29.72 8.99 -5.94
CA ALA A 148 28.86 8.68 -4.84
C ALA A 148 29.64 8.63 -3.52
N VAL A 149 30.81 8.01 -3.54
CA VAL A 149 31.68 7.92 -2.39
C VAL A 149 32.09 9.34 -1.96
N ASP A 150 32.45 10.17 -2.93
CA ASP A 150 32.82 11.57 -2.60
C ASP A 150 31.68 12.34 -1.93
N ALA A 151 30.48 12.21 -2.46
CA ALA A 151 29.30 12.84 -1.86
C ALA A 151 29.00 12.29 -0.44
N ALA A 152 29.11 10.97 -0.28
CA ALA A 152 28.92 10.37 1.03
C ALA A 152 29.93 10.87 2.09
N ARG A 153 31.19 10.94 1.69
CA ARG A 153 32.28 11.36 2.57
C ARG A 153 32.14 12.82 2.92
N ALA A 154 31.50 13.64 2.08
CA ALA A 154 31.23 15.05 2.45
C ALA A 154 30.18 15.25 3.54
N LEU A 155 29.35 14.26 3.78
CA LEU A 155 28.33 14.36 4.84
C LEU A 155 28.96 14.37 6.24
N PRO A 156 28.22 14.94 7.22
CA PRO A 156 28.70 15.14 8.58
C PRO A 156 28.47 13.90 9.47
N PHE A 157 28.02 12.81 8.89
CA PHE A 157 27.84 11.53 9.59
C PHE A 157 28.25 10.42 8.61
N PRO A 158 28.55 9.22 9.12
CA PRO A 158 28.93 8.15 8.19
C PRO A 158 27.74 7.63 7.38
N PHE A 159 27.80 7.79 6.07
CA PHE A 159 26.73 7.32 5.18
C PHE A 159 27.17 5.96 4.61
N THR A 160 26.31 4.96 4.67
CA THR A 160 26.68 3.61 4.28
C THR A 160 26.22 3.40 2.85
N LEU A 161 27.17 3.48 1.94
CA LEU A 161 26.91 3.37 0.52
C LEU A 161 26.98 1.92 0.05
N THR A 162 25.90 1.42 -0.48
CA THR A 162 25.89 0.11 -1.11
C THR A 162 26.08 0.32 -2.62
N ALA A 163 27.04 -0.39 -3.22
CA ALA A 163 27.24 -0.37 -4.65
C ALA A 163 26.65 -1.67 -5.23
N ARG A 164 25.77 -1.53 -6.23
CA ARG A 164 25.10 -2.68 -6.84
C ARG A 164 25.60 -3.00 -8.23
N CYS A 165 25.85 -4.30 -8.43
CA CYS A 165 26.05 -4.86 -9.78
C CYS A 165 24.80 -5.61 -10.26
N GLU A 166 24.26 -5.22 -11.39
CA GLU A 166 22.98 -5.71 -11.85
C GLU A 166 23.10 -6.82 -12.87
N ASN A 167 24.31 -7.34 -13.06
CA ASN A 167 24.56 -8.32 -14.14
C ASN A 167 23.54 -9.45 -14.18
N TYR A 168 23.28 -10.02 -13.01
CA TYR A 168 22.38 -11.18 -12.96
C TYR A 168 20.91 -10.86 -13.32
N LEU A 169 20.50 -9.59 -13.32
CA LEU A 169 19.13 -9.21 -13.69
C LEU A 169 19.02 -8.87 -15.18
N HIS A 170 20.13 -8.91 -15.88
CA HIS A 170 20.11 -8.49 -17.30
C HIS A 170 20.81 -9.51 -18.17
N GLY A 171 20.61 -10.79 -17.84
CA GLY A 171 21.06 -11.88 -18.69
C GLY A 171 22.57 -11.98 -18.84
N ARG A 172 23.30 -11.63 -17.77
CA ARG A 172 24.75 -11.80 -17.71
C ARG A 172 25.10 -12.49 -16.44
N ARG A 173 24.88 -13.79 -16.42
CA ARG A 173 25.07 -14.57 -15.19
C ARG A 173 26.49 -15.00 -15.11
N ASP A 174 27.36 -14.01 -15.09
CA ASP A 174 28.78 -14.23 -15.26
C ASP A 174 29.39 -13.85 -13.92
N LEU A 175 29.69 -14.89 -13.15
CA LEU A 175 30.08 -14.70 -11.79
C LEU A 175 31.37 -13.90 -11.72
N ASP A 176 32.36 -14.27 -12.56
CA ASP A 176 33.61 -13.55 -12.55
C ASP A 176 33.46 -12.04 -12.87
N ASP A 177 32.65 -11.67 -13.85
CA ASP A 177 32.55 -10.24 -14.20
C ASP A 177 31.83 -9.53 -13.07
N THR A 178 30.85 -10.22 -12.48
CA THR A 178 30.12 -9.62 -11.34
C THR A 178 30.99 -9.41 -10.10
N ILE A 179 31.72 -10.43 -9.71
CA ILE A 179 32.73 -10.25 -8.70
C ILE A 179 33.73 -9.11 -8.96
N ALA A 180 34.18 -9.01 -10.20
CA ALA A 180 35.24 -8.08 -10.54
C ALA A 180 34.69 -6.67 -10.47
N ARG A 181 33.42 -6.52 -10.84
CA ARG A 181 32.76 -5.25 -10.67
C ARG A 181 32.63 -4.88 -9.18
N LEU A 182 32.12 -5.77 -8.35
CA LEU A 182 31.95 -5.46 -6.91
C LEU A 182 33.27 -5.16 -6.19
N VAL A 183 34.32 -5.88 -6.55
CA VAL A 183 35.66 -5.55 -6.07
C VAL A 183 36.10 -4.15 -6.52
N ALA A 184 35.86 -3.80 -7.78
CA ALA A 184 36.18 -2.48 -8.25
C ALA A 184 35.39 -1.44 -7.50
N TYR A 185 34.13 -1.75 -7.18
CA TYR A 185 33.27 -0.80 -6.47
C TYR A 185 33.74 -0.63 -5.03
N ARG A 186 34.19 -1.74 -4.45
CA ARG A 186 34.75 -1.67 -3.14
C ARG A 186 36.03 -0.84 -3.16
N ASP A 187 36.89 -1.04 -4.16
CA ASP A 187 38.17 -0.32 -4.22
C ASP A 187 37.91 1.17 -4.47
N ALA A 188 36.81 1.51 -5.10
CA ALA A 188 36.45 2.91 -5.26
C ALA A 188 35.84 3.54 -4.02
N GLY A 189 35.49 2.72 -3.06
CA GLY A 189 35.14 3.18 -1.70
C GLY A 189 33.76 2.79 -1.20
N ALA A 190 33.02 2.00 -2.00
CA ALA A 190 31.70 1.55 -1.58
C ALA A 190 31.81 0.77 -0.25
N ASP A 191 30.83 0.92 0.62
CA ASP A 191 30.86 0.35 1.97
C ASP A 191 30.24 -1.09 2.01
N VAL A 192 29.29 -1.35 1.11
CA VAL A 192 28.54 -2.59 1.01
C VAL A 192 28.40 -2.88 -0.50
N LEU A 193 28.48 -4.17 -0.90
CA LEU A 193 28.46 -4.64 -2.27
C LEU A 193 27.25 -5.60 -2.39
N TYR A 194 26.55 -5.54 -3.50
CA TYR A 194 25.28 -6.20 -3.63
C TYR A 194 25.09 -6.54 -5.08
N ALA A 195 24.94 -7.84 -5.34
CA ALA A 195 24.56 -8.26 -6.69
C ALA A 195 23.22 -9.02 -6.63
N PRO A 196 22.11 -8.35 -6.97
CA PRO A 196 20.82 -9.00 -6.87
C PRO A 196 20.71 -10.10 -7.85
N GLY A 197 20.09 -11.19 -7.39
CA GLY A 197 19.87 -12.29 -8.30
C GLY A 197 20.79 -13.46 -8.15
N ILE A 198 21.89 -13.28 -7.42
CA ILE A 198 22.73 -14.40 -7.09
C ILE A 198 22.09 -15.07 -5.88
N THR A 199 21.81 -16.37 -6.00
CA THR A 199 21.17 -17.10 -4.90
C THR A 199 21.85 -18.44 -4.63
N ASP A 200 22.65 -18.93 -5.57
CA ASP A 200 23.38 -20.19 -5.36
C ASP A 200 24.39 -20.07 -4.22
N ALA A 201 24.43 -21.06 -3.35
CA ALA A 201 25.25 -20.96 -2.17
C ALA A 201 26.75 -20.83 -2.52
N ASP A 202 27.23 -21.66 -3.45
CA ASP A 202 28.64 -21.59 -3.82
C ASP A 202 29.03 -20.24 -4.46
N GLU A 203 28.16 -19.74 -5.33
CA GLU A 203 28.34 -18.40 -5.90
C GLU A 203 28.40 -17.32 -4.81
N ILE A 204 27.50 -17.34 -3.84
CA ILE A 204 27.49 -16.35 -2.79
C ILE A 204 28.80 -16.46 -1.98
N ALA A 205 29.23 -17.69 -1.69
CA ALA A 205 30.51 -17.86 -0.98
C ALA A 205 31.66 -17.31 -1.80
N ALA A 206 31.60 -17.47 -3.11
CA ALA A 206 32.69 -16.94 -3.95
C ALA A 206 32.70 -15.42 -3.89
N VAL A 207 31.52 -14.81 -3.87
CA VAL A 207 31.39 -13.35 -3.79
C VAL A 207 31.95 -12.83 -2.50
N THR A 208 31.56 -13.41 -1.36
CA THR A 208 32.03 -12.87 -0.05
C THR A 208 33.52 -13.14 0.17
N ARG A 209 33.98 -14.28 -0.34
CA ARG A 209 35.42 -14.57 -0.31
C ARG A 209 36.22 -13.54 -1.15
N ALA A 210 35.74 -13.17 -2.34
CA ALA A 210 36.46 -12.19 -3.16
C ALA A 210 36.34 -10.77 -2.65
N VAL A 211 35.18 -10.42 -2.13
CA VAL A 211 34.90 -9.02 -1.74
C VAL A 211 35.42 -8.68 -0.34
N GLY A 212 35.15 -9.55 0.61
CA GLY A 212 35.57 -9.30 1.98
C GLY A 212 34.83 -8.25 2.77
N ALA A 213 34.68 -7.07 2.19
CA ALA A 213 33.85 -6.01 2.73
C ALA A 213 32.41 -6.52 2.77
N PRO A 214 31.53 -5.88 3.56
CA PRO A 214 30.17 -6.39 3.72
C PRO A 214 29.41 -6.61 2.40
N VAL A 215 28.76 -7.75 2.30
CA VAL A 215 27.92 -8.05 1.14
C VAL A 215 26.44 -8.15 1.56
N ASN A 216 25.56 -7.63 0.71
CA ASN A 216 24.11 -7.75 0.86
C ASN A 216 23.64 -8.77 -0.14
N VAL A 217 22.80 -9.70 0.30
CA VAL A 217 22.11 -10.65 -0.58
C VAL A 217 20.62 -10.41 -0.43
N VAL A 218 19.93 -10.44 -1.55
CA VAL A 218 18.49 -10.34 -1.57
C VAL A 218 17.85 -11.70 -1.69
N MET A 219 16.78 -11.88 -0.94
CA MET A 219 16.04 -13.10 -0.94
C MET A 219 14.62 -12.83 -1.38
N GLY A 220 14.10 -13.70 -2.25
CA GLY A 220 12.73 -13.58 -2.72
C GLY A 220 12.56 -12.95 -4.08
N LEU A 221 13.67 -12.54 -4.69
CA LEU A 221 13.59 -11.86 -5.98
C LEU A 221 13.39 -12.86 -7.12
N GLN A 222 14.23 -13.88 -7.15
CA GLN A 222 14.20 -14.95 -8.13
C GLN A 222 15.07 -16.04 -7.54
N GLY A 223 15.01 -17.22 -8.13
CA GLY A 223 15.83 -18.31 -7.67
C GLY A 223 15.53 -18.91 -6.31
N GLY A 224 16.54 -19.55 -5.72
CA GLY A 224 16.35 -20.32 -4.49
C GLY A 224 16.38 -19.46 -3.25
N LEU A 225 15.89 -20.05 -2.16
CA LEU A 225 15.95 -19.43 -0.87
C LEU A 225 16.95 -20.06 0.10
N LEU A 226 17.52 -19.19 0.92
CA LEU A 226 18.40 -19.59 1.99
C LEU A 226 18.00 -18.86 3.27
N SER A 227 18.28 -19.44 4.44
CA SER A 227 17.94 -18.77 5.69
C SER A 227 18.97 -17.72 6.04
N LEU A 228 18.65 -16.83 6.98
CA LEU A 228 19.68 -15.90 7.49
C LEU A 228 20.93 -16.63 8.02
N ASP A 229 20.72 -17.66 8.85
CA ASP A 229 21.87 -18.49 9.29
C ASP A 229 22.72 -19.07 8.15
N GLU A 230 22.07 -19.65 7.15
CA GLU A 230 22.79 -20.18 6.01
C GLU A 230 23.59 -19.10 5.28
N LEU A 231 22.99 -17.93 5.13
CA LEU A 231 23.66 -16.79 4.47
C LEU A 231 24.85 -16.32 5.30
N ALA A 232 24.67 -16.25 6.61
CA ALA A 232 25.78 -15.78 7.46
C ALA A 232 26.96 -16.76 7.42
N ALA A 233 26.66 -18.06 7.36
CA ALA A 233 27.70 -19.11 7.19
C ALA A 233 28.42 -19.02 5.88
N LEU A 234 27.80 -18.38 4.90
CA LEU A 234 28.43 -18.11 3.57
C LEU A 234 29.16 -16.76 3.54
N GLY A 235 29.20 -16.06 4.67
CA GLY A 235 29.97 -14.82 4.77
C GLY A 235 29.16 -13.55 4.63
N VAL A 236 27.85 -13.69 4.43
CA VAL A 236 26.98 -12.57 4.08
C VAL A 236 26.76 -11.73 5.32
N LYS A 237 26.73 -10.41 5.19
CA LYS A 237 26.52 -9.49 6.31
C LYS A 237 25.07 -8.99 6.41
N ARG A 238 24.42 -8.80 5.26
CA ARG A 238 23.11 -8.18 5.24
C ARG A 238 22.20 -8.86 4.23
N VAL A 239 20.95 -9.10 4.64
CA VAL A 239 19.98 -9.79 3.82
C VAL A 239 18.75 -8.91 3.75
N SER A 240 18.41 -8.58 2.52
CA SER A 240 17.26 -7.73 2.12
C SER A 240 16.22 -8.51 1.34
N VAL A 241 15.07 -7.93 1.09
CA VAL A 241 14.03 -8.64 0.35
C VAL A 241 13.47 -7.88 -0.86
N GLY A 242 13.96 -6.67 -1.11
CA GLY A 242 13.55 -5.88 -2.29
C GLY A 242 12.05 -5.67 -2.24
N GLY A 243 11.37 -5.90 -3.36
CA GLY A 243 9.91 -5.75 -3.36
C GLY A 243 9.13 -6.98 -2.90
N ALA A 244 9.79 -7.99 -2.32
CA ALA A 244 9.07 -9.23 -2.01
C ALA A 244 8.06 -9.13 -0.89
N LEU A 245 8.27 -8.22 0.06
CA LEU A 245 7.25 -7.97 1.08
C LEU A 245 6.01 -7.33 0.47
N ALA A 246 6.20 -6.32 -0.41
CA ALA A 246 5.10 -5.71 -1.17
C ALA A 246 4.37 -6.75 -1.98
N ARG A 247 5.13 -7.59 -2.63
CA ARG A 247 4.56 -8.63 -3.44
C ARG A 247 3.86 -9.69 -2.65
N ALA A 248 4.36 -10.01 -1.45
CA ALA A 248 3.62 -10.86 -0.55
C ALA A 248 2.26 -10.29 -0.21
N ALA A 249 2.27 -9.03 0.22
CA ALA A 249 1.05 -8.33 0.58
C ALA A 249 0.10 -8.36 -0.55
N LEU A 250 0.62 -8.01 -1.73
CA LEU A 250 -0.17 -8.08 -2.95
C LEU A 250 -0.64 -9.50 -3.34
N GLY A 251 0.17 -10.50 -3.07
CA GLY A 251 -0.34 -11.86 -3.24
C GLY A 251 -1.62 -12.16 -2.45
N ALA A 252 -1.65 -11.75 -1.19
CA ALA A 252 -2.80 -11.98 -0.36
C ALA A 252 -3.99 -11.18 -0.85
N PHE A 253 -3.71 -9.95 -1.23
CA PHE A 253 -4.72 -9.07 -1.81
C PHE A 253 -5.34 -9.71 -3.05
N LEU A 254 -4.49 -10.25 -3.91
CA LEU A 254 -5.00 -10.91 -5.12
C LEU A 254 -5.76 -12.20 -4.87
N ARG A 255 -5.34 -13.01 -3.90
CA ARG A 255 -6.11 -14.19 -3.57
C ARG A 255 -7.49 -13.82 -3.04
N ALA A 256 -7.58 -12.69 -2.33
CA ALA A 256 -8.89 -12.17 -1.86
C ALA A 256 -9.75 -11.69 -3.01
N ALA A 257 -9.17 -10.91 -3.92
CA ALA A 257 -9.88 -10.45 -5.10
C ALA A 257 -10.46 -11.58 -5.90
N THR A 258 -9.64 -12.60 -6.12
CA THR A 258 -10.02 -13.79 -6.87
C THR A 258 -11.09 -14.57 -6.16
N GLU A 259 -11.02 -14.69 -4.84
CA GLU A 259 -12.07 -15.37 -4.09
C GLU A 259 -13.38 -14.66 -4.29
N MET A 260 -13.35 -13.33 -4.14
CA MET A 260 -14.59 -12.55 -4.32
C MET A 260 -15.12 -12.69 -5.73
N ARG A 261 -14.26 -12.69 -6.76
CA ARG A 261 -14.73 -12.82 -8.15
C ARG A 261 -15.24 -14.21 -8.47
N ARG A 262 -14.56 -15.22 -7.93
CA ARG A 262 -14.91 -16.62 -8.30
C ARG A 262 -16.11 -17.16 -7.58
N ASP A 263 -16.13 -16.92 -6.28
CA ASP A 263 -17.06 -17.55 -5.37
C ASP A 263 -18.02 -16.58 -4.71
N GLY A 264 -17.72 -15.29 -4.79
CA GLY A 264 -18.50 -14.30 -4.06
C GLY A 264 -18.48 -14.48 -2.56
N THR A 265 -17.38 -14.97 -2.03
CA THR A 265 -17.20 -15.13 -0.58
C THR A 265 -16.06 -14.26 -0.07
N PHE A 266 -16.01 -14.13 1.25
CA PHE A 266 -15.12 -13.20 1.94
C PHE A 266 -14.32 -13.92 3.04
N THR A 267 -14.07 -15.22 2.88
CA THR A 267 -13.37 -15.94 3.96
C THR A 267 -11.93 -15.47 4.10
N PHE A 268 -11.37 -14.81 3.07
CA PHE A 268 -10.04 -14.21 3.25
C PHE A 268 -9.94 -13.29 4.46
N THR A 269 -11.08 -12.80 4.95
CA THR A 269 -11.10 -11.86 6.05
C THR A 269 -10.73 -12.56 7.35
N GLN A 270 -10.80 -13.90 7.41
CA GLN A 270 -10.49 -14.60 8.65
C GLN A 270 -9.00 -14.51 9.02
N ALA A 271 -8.14 -14.51 8.00
CA ALA A 271 -6.70 -14.40 8.16
C ALA A 271 -6.17 -12.95 8.20
N ALA A 272 -7.06 -11.98 7.98
CA ALA A 272 -6.67 -10.58 8.00
C ALA A 272 -6.35 -10.15 9.40
N VAL A 273 -5.56 -9.09 9.56
CA VAL A 273 -5.31 -8.54 10.89
C VAL A 273 -6.62 -7.93 11.36
N PRO A 274 -7.03 -8.21 12.62
CA PRO A 274 -8.24 -7.61 13.10
C PRO A 274 -8.13 -6.10 13.12
N GLY A 275 -9.22 -5.42 12.79
CA GLY A 275 -9.23 -3.99 12.79
C GLY A 275 -8.94 -3.38 14.13
N ARG A 276 -9.35 -4.06 15.21
CA ARG A 276 -9.13 -3.55 16.55
C ARG A 276 -7.63 -3.53 16.88
N ASP A 277 -6.93 -4.56 16.46
CA ASP A 277 -5.48 -4.65 16.68
C ASP A 277 -4.69 -3.53 15.98
N ILE A 278 -4.91 -3.37 14.66
CA ILE A 278 -4.22 -2.35 13.81
C ILE A 278 -4.55 -0.93 14.26
N ASN A 279 -5.80 -0.70 14.69
CA ASN A 279 -6.10 0.61 15.25
C ASN A 279 -5.40 0.88 16.56
N ARG A 280 -5.32 -0.12 17.43
CA ARG A 280 -4.64 0.04 18.74
C ARG A 280 -3.16 0.33 18.51
N TRP A 281 -2.49 -0.50 17.71
CA TRP A 281 -1.06 -0.29 17.40
C TRP A 281 -0.75 1.06 16.79
N PHE A 282 -1.53 1.49 15.81
CA PHE A 282 -1.25 2.77 15.15
C PHE A 282 -1.65 4.00 15.98
N ALA A 283 -2.60 3.83 16.93
CA ALA A 283 -2.90 4.90 17.91
C ALA A 283 -1.72 5.24 18.79
N ALA A 284 -0.82 4.28 19.03
CA ALA A 284 0.41 4.52 19.79
C ALA A 284 1.26 5.70 19.25
N PRO A 285 1.89 6.46 20.17
CA PRO A 285 2.68 7.62 19.79
C PRO A 285 4.07 7.20 19.32
N ASP A 286 4.40 5.92 19.38
CA ASP A 286 5.69 5.44 18.88
C ASP A 286 5.59 3.98 18.45
N ASN A 287 6.74 3.38 18.10
CA ASN A 287 6.77 2.03 17.57
C ASN A 287 7.31 1.00 18.59
N SER A 288 7.04 1.20 19.88
CA SER A 288 7.46 0.21 20.89
C SER A 288 6.86 -1.19 20.64
N PRO A 289 7.72 -2.21 20.48
CA PRO A 289 7.53 -3.66 20.41
C PRO A 289 6.37 -4.20 21.27
N SER B 12 -13.12 14.61 -18.64
CA SER B 12 -14.18 13.61 -18.37
C SER B 12 -15.62 14.00 -18.78
N ASP B 13 -15.95 13.67 -20.04
CA ASP B 13 -17.27 13.14 -20.38
C ASP B 13 -17.23 11.67 -19.91
N LEU B 14 -16.02 11.17 -19.68
CA LEU B 14 -15.76 9.93 -18.97
C LEU B 14 -16.49 9.85 -17.60
N GLN B 15 -16.45 10.94 -16.85
CA GLN B 15 -17.13 10.95 -15.57
C GLN B 15 -18.61 10.67 -15.72
N ALA B 16 -19.23 11.29 -16.72
CA ALA B 16 -20.64 11.08 -16.95
C ALA B 16 -20.93 9.62 -17.36
N ARG B 17 -20.03 9.03 -18.14
CA ARG B 17 -20.16 7.61 -18.56
C ARG B 17 -20.06 6.74 -17.32
N HIS B 18 -19.05 6.97 -16.48
CA HIS B 18 -18.91 6.18 -15.25
C HIS B 18 -20.07 6.36 -14.33
N ALA B 19 -20.67 7.56 -14.34
CA ALA B 19 -21.78 7.85 -13.42
C ALA B 19 -22.99 7.03 -13.78
N GLU B 20 -23.22 6.95 -15.08
CA GLU B 20 -24.34 6.15 -15.55
C GLU B 20 -24.10 4.67 -15.38
N ALA B 21 -22.91 4.22 -15.70
CA ALA B 21 -22.59 2.81 -15.49
C ALA B 21 -22.77 2.43 -14.00
N PHE B 22 -22.34 3.32 -13.12
CA PHE B 22 -22.43 3.05 -11.67
C PHE B 22 -23.87 2.97 -11.22
N ARG B 23 -24.70 3.94 -11.65
CA ARG B 23 -26.10 3.94 -11.25
C ARG B 23 -26.79 2.63 -11.74
N ALA B 24 -26.48 2.24 -12.98
CA ALA B 24 -27.01 1.02 -13.62
C ALA B 24 -26.65 -0.27 -12.87
N LEU B 25 -25.46 -0.34 -12.26
CA LEU B 25 -25.08 -1.49 -11.44
C LEU B 25 -26.10 -1.72 -10.38
N HIS B 26 -26.73 -0.65 -9.90
CA HIS B 26 -27.66 -0.77 -8.79
C HIS B 26 -29.07 -1.23 -9.17
N THR B 27 -29.38 -1.24 -10.44
CA THR B 27 -30.75 -1.52 -10.90
C THR B 27 -30.83 -2.84 -11.66
N ARG B 28 -29.70 -3.44 -11.99
CA ARG B 28 -29.76 -4.74 -12.61
C ARG B 28 -29.97 -5.82 -11.55
N PRO B 29 -30.42 -7.01 -11.99
CA PRO B 29 -30.68 -8.04 -11.02
C PRO B 29 -29.46 -8.49 -10.24
N GLY B 30 -29.71 -8.89 -9.00
CA GLY B 30 -28.67 -9.49 -8.21
C GLY B 30 -27.93 -8.46 -7.37
N ALA B 31 -26.91 -8.91 -6.64
CA ALA B 31 -26.04 -7.99 -5.88
C ALA B 31 -24.67 -7.93 -6.54
N PHE B 32 -23.95 -6.83 -6.37
CA PHE B 32 -22.58 -6.73 -6.87
C PHE B 32 -21.63 -6.35 -5.77
N ILE B 33 -20.36 -6.68 -5.95
CA ILE B 33 -19.37 -6.36 -4.94
C ILE B 33 -18.67 -5.09 -5.41
N ILE B 34 -18.50 -4.16 -4.49
CA ILE B 34 -17.73 -2.97 -4.70
C ILE B 34 -16.51 -3.04 -3.76
N PRO B 35 -15.35 -3.44 -4.32
CA PRO B 35 -14.20 -3.63 -3.45
C PRO B 35 -13.50 -2.35 -3.15
N ASN B 36 -12.61 -2.38 -2.16
CA ASN B 36 -12.02 -1.20 -1.56
C ASN B 36 -10.45 -1.22 -1.63
N PRO B 37 -9.89 -0.76 -2.72
CA PRO B 37 -8.46 -0.46 -2.77
C PRO B 37 -8.10 0.74 -1.94
N TRP B 38 -6.80 0.88 -1.60
CA TRP B 38 -6.30 1.98 -0.78
C TRP B 38 -5.09 2.68 -1.42
N ASP B 39 -4.70 2.26 -2.61
CA ASP B 39 -3.68 2.95 -3.36
C ASP B 39 -3.88 2.70 -4.87
N ALA B 40 -3.02 3.31 -5.68
CA ALA B 40 -3.17 3.20 -7.12
C ALA B 40 -3.02 1.75 -7.62
N GLY B 41 -2.09 1.04 -6.99
CA GLY B 41 -1.74 -0.33 -7.34
C GLY B 41 -2.92 -1.27 -7.19
N THR B 42 -3.53 -1.17 -6.03
CA THR B 42 -4.66 -2.01 -5.72
C THR B 42 -5.85 -1.66 -6.57
N ALA B 43 -6.03 -0.38 -6.89
CA ALA B 43 -7.09 0.03 -7.75
C ALA B 43 -6.94 -0.58 -9.11
N ARG B 44 -5.73 -0.49 -9.68
CA ARG B 44 -5.40 -1.16 -10.92
C ARG B 44 -5.70 -2.66 -10.94
N LEU B 45 -5.28 -3.35 -9.88
CA LEU B 45 -5.41 -4.78 -9.81
C LEU B 45 -6.87 -5.18 -9.70
N LEU B 46 -7.67 -4.44 -8.95
CA LEU B 46 -9.11 -4.74 -8.93
C LEU B 46 -9.80 -4.53 -10.28
N ALA B 47 -9.41 -3.54 -11.06
CA ALA B 47 -9.99 -3.39 -12.39
C ALA B 47 -9.60 -4.57 -13.28
N MET B 48 -8.33 -4.91 -13.21
CA MET B 48 -7.83 -6.04 -13.99
C MET B 48 -8.51 -7.33 -13.57
N ALA B 49 -8.89 -7.46 -12.30
CA ALA B 49 -9.66 -8.61 -11.80
C ALA B 49 -11.12 -8.71 -12.34
N GLY B 50 -11.61 -7.63 -12.91
CA GLY B 50 -12.97 -7.64 -13.43
C GLY B 50 -14.02 -6.93 -12.61
N PHE B 51 -13.62 -6.23 -11.54
CA PHE B 51 -14.63 -5.48 -10.75
C PHE B 51 -15.11 -4.30 -11.58
N GLU B 52 -16.35 -3.88 -11.31
CA GLU B 52 -17.01 -2.85 -12.14
C GLU B 52 -17.08 -1.46 -11.49
N ALA B 53 -16.67 -1.38 -10.25
CA ALA B 53 -16.64 -0.13 -9.52
C ALA B 53 -15.68 -0.31 -8.40
N LEU B 54 -15.23 0.78 -7.82
CA LEU B 54 -14.35 0.74 -6.62
C LEU B 54 -14.90 1.71 -5.58
N ALA B 55 -14.62 1.43 -4.29
CA ALA B 55 -14.95 2.32 -3.22
C ALA B 55 -13.69 2.61 -2.41
N THR B 56 -13.54 3.87 -2.03
CA THR B 56 -12.40 4.20 -1.18
C THR B 56 -12.71 3.72 0.23
N THR B 57 -11.67 3.61 1.04
CA THR B 57 -11.79 3.13 2.42
C THR B 57 -10.94 4.08 3.26
N SER B 58 -11.60 4.90 4.05
CA SER B 58 -10.91 5.79 4.97
C SER B 58 -9.99 4.96 5.92
N ALA B 59 -10.39 3.74 6.25
CA ALA B 59 -9.58 2.88 7.12
C ALA B 59 -8.31 2.35 6.45
N GLY B 60 -8.47 1.83 5.22
CA GLY B 60 -7.33 1.32 4.44
C GLY B 60 -6.33 2.41 4.14
N TYR B 61 -6.87 3.58 3.83
CA TYR B 61 -6.03 4.73 3.55
C TYR B 61 -5.21 5.10 4.77
N ALA B 62 -5.87 5.16 5.92
CA ALA B 62 -5.23 5.49 7.17
C ALA B 62 -4.13 4.50 7.49
N PHE B 63 -4.43 3.19 7.42
CA PHE B 63 -3.41 2.17 7.70
C PHE B 63 -2.17 2.35 6.82
N SER B 64 -2.35 2.72 5.56
CA SER B 64 -1.20 2.96 4.67
C SER B 64 -0.34 4.09 5.19
N LYS B 65 -0.97 5.09 5.84
CA LYS B 65 -0.24 6.21 6.38
C LYS B 65 0.27 5.97 7.82
N GLY B 66 0.06 4.78 8.36
CA GLY B 66 0.50 4.44 9.70
C GLY B 66 -0.38 5.06 10.79
N GLN B 67 -1.65 5.32 10.46
CA GLN B 67 -2.57 5.99 11.39
C GLN B 67 -3.78 5.14 11.64
N PRO B 68 -4.41 5.33 12.81
CA PRO B 68 -5.61 4.58 13.02
C PRO B 68 -6.73 5.21 12.22
N ASP B 69 -7.78 4.45 11.99
CA ASP B 69 -8.91 4.95 11.20
C ASP B 69 -9.46 6.26 11.83
N ASN B 70 -9.66 7.26 10.99
CA ASN B 70 -10.28 8.57 11.30
C ASN B 70 -9.28 9.67 11.61
N ILE B 72 -9.95 11.65 9.10
CA ILE B 72 -9.11 11.95 7.91
C ILE B 72 -9.34 13.37 7.41
N ASP B 73 -8.28 14.02 6.93
CA ASP B 73 -8.35 15.37 6.37
C ASP B 73 -9.16 15.33 5.05
N ARG B 74 -10.13 16.24 4.89
CA ARG B 74 -10.87 16.31 3.62
C ARG B 74 -9.94 16.49 2.41
N ASP B 75 -8.93 17.35 2.52
CA ASP B 75 -8.13 17.64 1.32
C ASP B 75 -7.33 16.39 0.92
N ALA B 76 -6.85 15.69 1.94
CA ALA B 76 -6.10 14.45 1.79
C ALA B 76 -7.00 13.42 1.07
N MET B 77 -8.24 13.34 1.52
CA MET B 77 -9.20 12.40 0.87
C MET B 77 -9.51 12.80 -0.58
N LEU B 78 -9.66 14.09 -0.83
CA LEU B 78 -9.95 14.54 -2.19
C LEU B 78 -8.81 14.18 -3.14
N ASP B 79 -7.56 14.38 -2.71
CA ASP B 79 -6.43 13.95 -3.48
C ASP B 79 -6.46 12.44 -3.74
N HIS B 80 -6.81 11.69 -2.68
CA HIS B 80 -6.87 10.21 -2.71
C HIS B 80 -7.94 9.76 -3.71
N ILE B 81 -9.09 10.36 -3.64
CA ILE B 81 -10.15 10.05 -4.60
C ILE B 81 -9.63 10.24 -6.01
N ALA B 82 -9.03 11.40 -6.30
CA ALA B 82 -8.51 11.66 -7.64
C ALA B 82 -7.46 10.60 -8.08
N ASP B 83 -6.64 10.17 -7.13
CA ASP B 83 -5.60 9.18 -7.43
C ASP B 83 -6.27 7.87 -7.85
N LEU B 84 -7.29 7.44 -7.12
CA LEU B 84 -7.90 6.16 -7.42
C LEU B 84 -8.81 6.18 -8.72
N VAL B 85 -9.42 7.33 -8.99
CA VAL B 85 -10.15 7.56 -10.23
C VAL B 85 -9.18 7.40 -11.41
N ALA B 86 -8.02 8.06 -11.33
CA ALA B 86 -7.06 8.04 -12.43
C ALA B 86 -6.53 6.63 -12.63
N ALA B 87 -6.16 5.99 -11.54
CA ALA B 87 -5.52 4.66 -11.62
C ALA B 87 -6.45 3.52 -12.04
N GLY B 88 -7.64 3.52 -11.46
CA GLY B 88 -8.59 2.42 -11.68
C GLY B 88 -9.29 2.43 -13.03
N GLY B 89 -9.61 3.59 -13.57
CA GLY B 89 -10.43 3.71 -14.84
C GLY B 89 -11.87 3.25 -14.65
N LEU B 90 -12.29 3.13 -13.40
CA LEU B 90 -13.62 2.69 -13.05
C LEU B 90 -14.38 3.76 -12.27
N PRO B 91 -15.71 3.69 -12.26
CA PRO B 91 -16.46 4.48 -11.28
C PRO B 91 -16.02 4.29 -9.84
N VAL B 92 -15.88 5.40 -9.12
CA VAL B 92 -15.42 5.42 -7.73
C VAL B 92 -16.47 6.05 -6.82
N SER B 93 -16.88 5.28 -5.83
CA SER B 93 -17.69 5.76 -4.74
C SER B 93 -16.78 6.09 -3.60
N ALA B 94 -16.87 7.33 -3.14
CA ALA B 94 -15.99 7.83 -2.12
C ALA B 94 -16.57 7.75 -0.73
N ASP B 95 -15.79 7.23 0.18
CA ASP B 95 -16.08 7.29 1.59
C ASP B 95 -15.76 8.73 2.04
N LEU B 96 -16.80 9.48 2.43
CA LEU B 96 -16.67 10.92 2.78
C LEU B 96 -17.02 11.13 4.23
N GLU B 97 -16.79 10.07 5.00
CA GLU B 97 -16.94 10.10 6.46
C GLU B 97 -18.30 10.75 6.80
N ASN B 98 -18.31 11.71 7.72
CA ASN B 98 -19.54 12.45 8.07
C ASN B 98 -19.70 13.75 7.25
N GLY B 99 -19.01 13.85 6.11
CA GLY B 99 -18.99 15.09 5.30
C GLY B 99 -17.94 16.11 5.79
N PHE B 100 -17.12 15.71 6.77
CA PHE B 100 -15.95 16.50 7.30
C PHE B 100 -16.36 17.73 8.12
N GLY B 101 -17.52 17.63 8.74
CA GLY B 101 -18.11 18.72 9.48
C GLY B 101 -19.53 18.37 9.84
N ASP B 102 -20.06 19.10 10.80
CA ASP B 102 -21.43 18.91 11.27
C ASP B 102 -22.49 19.57 10.40
N ALA B 103 -22.18 20.75 9.85
CA ALA B 103 -23.19 21.56 9.20
C ALA B 103 -23.57 20.99 7.82
N PRO B 104 -24.86 21.05 7.48
CA PRO B 104 -25.33 20.64 6.18
C PRO B 104 -24.57 21.28 5.03
N GLY B 105 -24.23 22.56 5.15
CA GLY B 105 -23.50 23.22 4.08
C GLY B 105 -22.11 22.64 3.89
N THR B 106 -21.55 22.12 4.97
CA THR B 106 -20.28 21.51 4.86
C THR B 106 -20.37 20.19 4.08
N VAL B 107 -21.33 19.38 4.50
CA VAL B 107 -21.67 18.15 3.80
C VAL B 107 -21.90 18.42 2.30
N ALA B 108 -22.72 19.42 2.00
CA ALA B 108 -22.98 19.77 0.60
C ALA B 108 -21.69 20.13 -0.14
N GLU B 109 -20.84 20.96 0.45
CA GLU B 109 -19.56 21.32 -0.18
C GLU B 109 -18.69 20.08 -0.37
N THR B 110 -18.67 19.20 0.63
CA THR B 110 -17.91 17.96 0.49
C THR B 110 -18.36 17.13 -0.72
N ILE B 111 -19.67 17.01 -0.92
CA ILE B 111 -20.19 16.31 -2.09
C ILE B 111 -19.70 16.98 -3.39
N ARG B 112 -19.78 18.30 -3.48
CA ARG B 112 -19.31 19.00 -4.72
C ARG B 112 -17.85 18.78 -4.97
N LEU B 113 -17.05 18.87 -3.91
CA LEU B 113 -15.62 18.65 -4.02
C LEU B 113 -15.27 17.21 -4.42
N ALA B 114 -16.03 16.25 -3.91
CA ALA B 114 -15.75 14.85 -4.20
C ALA B 114 -16.06 14.60 -5.65
N ALA B 115 -17.13 15.22 -6.16
CA ALA B 115 -17.44 15.08 -7.58
C ALA B 115 -16.36 15.72 -8.44
N GLU B 116 -15.89 16.90 -8.00
CA GLU B 116 -14.87 17.61 -8.73
C GLU B 116 -13.62 16.73 -8.81
N ALA B 117 -13.33 15.98 -7.73
CA ALA B 117 -12.21 15.03 -7.72
C ALA B 117 -12.40 13.79 -8.56
N GLY B 118 -13.62 13.58 -9.07
CA GLY B 118 -13.89 12.55 -10.02
C GLY B 118 -14.78 11.42 -9.58
N ALA B 119 -15.21 11.46 -8.33
CA ALA B 119 -16.13 10.46 -7.82
C ALA B 119 -17.52 10.59 -8.47
N VAL B 120 -18.16 9.45 -8.66
CA VAL B 120 -19.52 9.46 -9.15
C VAL B 120 -20.50 9.00 -8.09
N GLY B 121 -20.01 8.76 -6.90
CA GLY B 121 -20.86 8.49 -5.78
C GLY B 121 -20.08 8.69 -4.50
N GLY B 122 -20.78 8.68 -3.42
CA GLY B 122 -20.12 8.72 -2.10
C GLY B 122 -21.07 8.56 -0.94
N SER B 123 -20.49 8.34 0.27
CA SER B 123 -21.22 8.09 1.50
C SER B 123 -21.08 9.21 2.53
N ILE B 124 -22.20 9.53 3.17
CA ILE B 124 -22.24 10.47 4.28
C ILE B 124 -22.82 9.75 5.46
N GLU B 125 -22.05 9.69 6.54
CA GLU B 125 -22.49 8.99 7.72
C GLU B 125 -22.99 9.92 8.81
N ASP B 126 -23.75 9.35 9.75
CA ASP B 126 -24.33 10.13 10.88
C ASP B 126 -23.58 9.99 12.22
N ALA B 127 -22.29 9.71 12.16
CA ALA B 127 -21.45 9.67 13.33
C ALA B 127 -20.84 11.04 13.50
N THR B 128 -20.96 11.56 14.72
CA THR B 128 -20.58 12.94 15.04
C THR B 128 -19.09 12.98 15.32
N GLY B 129 -18.53 11.85 15.77
CA GLY B 129 -17.16 11.81 16.29
C GLY B 129 -17.07 12.19 17.75
N ARG B 130 -18.20 12.53 18.36
CA ARG B 130 -18.26 12.91 19.76
C ARG B 130 -18.84 11.75 20.58
N ALA B 131 -17.99 11.13 21.39
CA ALA B 131 -18.42 10.07 22.32
C ALA B 131 -19.65 10.42 23.18
N ASP B 132 -19.76 11.66 23.64
CA ASP B 132 -20.94 12.09 24.40
C ASP B 132 -22.19 11.74 23.60
N THR B 133 -22.25 12.27 22.39
CA THR B 133 -23.40 12.12 21.51
C THR B 133 -22.94 11.57 20.17
N PRO B 134 -22.75 10.23 20.07
CA PRO B 134 -21.94 9.67 18.95
C PRO B 134 -22.66 9.66 17.61
N ILE B 135 -23.97 9.88 17.63
CA ILE B 135 -24.80 9.84 16.42
C ILE B 135 -25.60 11.14 16.40
N TYR B 136 -25.64 11.82 15.25
CA TYR B 136 -26.43 13.04 15.11
C TYR B 136 -27.90 12.76 15.41
N ALA B 137 -28.59 13.74 16.00
CA ALA B 137 -30.06 13.65 16.14
C ALA B 137 -30.75 13.46 14.77
N ARG B 138 -31.86 12.73 14.78
CA ARG B 138 -32.63 12.43 13.56
C ARG B 138 -32.87 13.62 12.65
N ASP B 139 -33.31 14.72 13.24
CA ASP B 139 -33.58 15.93 12.46
C ASP B 139 -32.38 16.43 11.77
N ALA B 140 -31.34 16.63 12.57
CA ALA B 140 -30.10 17.13 12.06
C ALA B 140 -29.52 16.18 11.03
N SER B 141 -29.60 14.87 11.28
CA SER B 141 -29.11 13.88 10.33
C SER B 141 -29.75 13.96 8.96
N VAL B 142 -31.07 13.97 8.96
CA VAL B 142 -31.87 14.12 7.74
C VAL B 142 -31.58 15.44 7.05
N GLU B 143 -31.49 16.56 7.78
CA GLU B 143 -31.16 17.84 7.12
C GLU B 143 -29.81 17.77 6.41
N ARG B 144 -28.88 17.11 7.08
CA ARG B 144 -27.56 16.82 6.50
C ARG B 144 -27.66 16.04 5.18
N ILE B 145 -28.37 14.91 5.19
CA ILE B 145 -28.53 14.12 3.95
C ILE B 145 -29.28 14.91 2.87
N ALA B 146 -30.26 15.70 3.29
CA ALA B 146 -30.99 16.53 2.34
C ALA B 146 -30.07 17.53 1.58
N ALA B 147 -29.11 18.06 2.27
CA ALA B 147 -28.14 18.98 1.70
C ALA B 147 -27.20 18.23 0.77
N ALA B 148 -26.85 17.00 1.14
CA ALA B 148 -25.99 16.18 0.29
C ALA B 148 -26.73 15.82 -1.01
N VAL B 149 -28.02 15.50 -0.89
CA VAL B 149 -28.82 15.17 -2.04
C VAL B 149 -28.96 16.35 -2.98
N ASP B 150 -29.20 17.54 -2.43
CA ASP B 150 -29.32 18.73 -3.27
C ASP B 150 -28.05 19.01 -4.04
N ALA B 151 -26.89 18.88 -3.39
CA ALA B 151 -25.64 18.99 -4.10
C ALA B 151 -25.51 17.94 -5.19
N ALA B 152 -25.82 16.69 -4.83
CA ALA B 152 -25.76 15.57 -5.80
C ALA B 152 -26.64 15.86 -6.98
N ARG B 153 -27.86 16.32 -6.77
CA ARG B 153 -28.79 16.56 -7.90
C ARG B 153 -28.44 17.78 -8.77
N ALA B 154 -27.59 18.68 -8.25
CA ALA B 154 -27.12 19.81 -9.02
C ALA B 154 -25.98 19.46 -9.96
N LEU B 155 -25.45 18.23 -9.89
CA LEU B 155 -24.35 17.87 -10.74
C LEU B 155 -24.92 17.48 -12.09
N PRO B 156 -24.09 17.55 -13.14
CA PRO B 156 -24.60 17.27 -14.50
C PRO B 156 -24.57 15.76 -14.91
N PHE B 157 -24.50 14.90 -13.91
CA PHE B 157 -24.53 13.44 -14.12
C PHE B 157 -25.10 12.86 -12.85
N PRO B 158 -25.55 11.59 -12.90
CA PRO B 158 -26.18 11.04 -11.72
C PRO B 158 -25.13 10.68 -10.65
N PHE B 159 -25.22 11.30 -9.50
CA PHE B 159 -24.29 11.02 -8.40
C PHE B 159 -25.01 10.10 -7.44
N THR B 160 -24.42 8.95 -7.17
CA THR B 160 -25.05 7.94 -6.33
C THR B 160 -24.67 8.15 -4.89
N LEU B 161 -25.61 8.76 -4.13
CA LEU B 161 -25.43 9.07 -2.73
C LEU B 161 -25.80 7.91 -1.81
N THR B 162 -24.80 7.47 -1.03
CA THR B 162 -25.04 6.45 0.01
C THR B 162 -25.17 7.19 1.35
N ALA B 163 -26.30 6.98 2.04
CA ALA B 163 -26.51 7.51 3.35
C ALA B 163 -26.23 6.38 4.35
N ARG B 164 -25.30 6.65 5.27
CA ARG B 164 -24.91 5.71 6.33
C ARG B 164 -25.50 6.02 7.70
N CYS B 165 -25.99 4.98 8.34
CA CYS B 165 -26.39 5.04 9.75
C CYS B 165 -25.41 4.20 10.58
N GLU B 166 -24.75 4.86 11.52
CA GLU B 166 -23.62 4.26 12.18
C GLU B 166 -23.95 3.64 13.54
N ASN B 167 -25.22 3.55 13.85
CA ASN B 167 -25.73 3.05 15.12
C ASN B 167 -24.99 1.84 15.66
N TYR B 168 -24.87 0.81 14.81
CA TYR B 168 -24.30 -0.46 15.26
C TYR B 168 -22.82 -0.40 15.52
N LEU B 169 -22.14 0.63 15.02
CA LEU B 169 -20.72 0.82 15.35
C LEU B 169 -20.49 1.61 16.66
N HIS B 170 -21.55 2.14 17.27
CA HIS B 170 -21.39 2.97 18.47
C HIS B 170 -22.31 2.48 19.62
N GLY B 171 -22.39 1.18 19.80
CA GLY B 171 -23.19 0.60 20.86
C GLY B 171 -24.70 0.69 20.85
N ARG B 172 -25.29 1.31 19.83
CA ARG B 172 -26.75 1.33 19.65
C ARG B 172 -27.17 0.25 18.62
N ARG B 173 -27.10 -1.01 18.99
CA ARG B 173 -27.51 -2.07 18.09
C ARG B 173 -29.04 -2.19 18.11
N ASP B 174 -29.72 -1.13 17.74
CA ASP B 174 -31.17 -1.07 17.72
C ASP B 174 -31.65 -1.07 16.27
N LEU B 175 -32.20 -2.21 15.83
CA LEU B 175 -32.63 -2.40 14.44
C LEU B 175 -33.69 -1.40 14.05
N ASP B 176 -34.65 -1.18 14.94
CA ASP B 176 -35.72 -0.31 14.58
C ASP B 176 -35.35 1.18 14.44
N ASP B 177 -34.47 1.72 15.28
CA ASP B 177 -34.00 3.11 15.05
C ASP B 177 -33.19 3.17 13.76
N THR B 178 -32.36 2.16 13.58
CA THR B 178 -31.48 2.10 12.43
C THR B 178 -32.32 2.09 11.15
N ILE B 179 -33.32 1.21 11.06
CA ILE B 179 -34.23 1.19 9.89
C ILE B 179 -34.92 2.51 9.71
N ALA B 180 -35.37 3.12 10.79
CA ALA B 180 -36.14 4.35 10.68
C ALA B 180 -35.26 5.44 10.09
N ARG B 181 -34.04 5.54 10.57
CA ARG B 181 -33.06 6.52 10.01
C ARG B 181 -32.87 6.28 8.50
N LEU B 182 -32.64 5.02 8.12
CA LEU B 182 -32.35 4.71 6.72
C LEU B 182 -33.53 5.06 5.88
N VAL B 183 -34.72 4.75 6.36
CA VAL B 183 -35.94 5.12 5.64
C VAL B 183 -36.06 6.67 5.51
N ALA B 184 -35.66 7.37 6.56
CA ALA B 184 -35.76 8.83 6.53
C ALA B 184 -34.73 9.43 5.55
N TYR B 185 -33.55 8.83 5.52
CA TYR B 185 -32.53 9.20 4.56
C TYR B 185 -32.96 8.91 3.11
N ARG B 186 -33.60 7.77 2.88
CA ARG B 186 -34.16 7.41 1.59
C ARG B 186 -35.21 8.48 1.21
N ASP B 187 -36.06 8.84 2.17
CA ASP B 187 -37.11 9.81 1.85
C ASP B 187 -36.55 11.19 1.58
N ALA B 188 -35.41 11.50 2.19
CA ALA B 188 -34.71 12.71 1.86
C ALA B 188 -34.01 12.73 0.49
N GLY B 189 -33.87 11.57 -0.18
CA GLY B 189 -33.35 11.46 -1.56
C GLY B 189 -32.09 10.59 -1.70
N ALA B 190 -31.63 10.00 -0.60
CA ALA B 190 -30.45 9.09 -0.69
C ALA B 190 -30.68 7.94 -1.68
N ASP B 191 -29.67 7.58 -2.46
CA ASP B 191 -29.86 6.55 -3.49
C ASP B 191 -29.60 5.16 -2.99
N VAL B 192 -28.70 5.05 -2.01
CA VAL B 192 -28.28 3.76 -1.49
C VAL B 192 -28.20 3.91 0.01
N LEU B 193 -28.66 2.90 0.73
CA LEU B 193 -28.72 2.98 2.19
C LEU B 193 -27.77 1.94 2.81
N TYR B 194 -27.11 2.29 3.90
CA TYR B 194 -26.06 1.41 4.44
C TYR B 194 -25.96 1.56 5.97
N ALA B 195 -26.13 0.45 6.69
CA ALA B 195 -25.92 0.39 8.15
C ALA B 195 -24.76 -0.56 8.52
N PRO B 196 -23.54 -0.06 8.65
CA PRO B 196 -22.44 -0.96 8.92
C PRO B 196 -22.58 -1.58 10.31
N GLY B 197 -22.19 -2.84 10.44
CA GLY B 197 -22.43 -3.54 11.73
C GLY B 197 -23.60 -4.47 11.82
N ILE B 198 -24.65 -4.28 11.01
CA ILE B 198 -25.70 -5.28 10.87
C ILE B 198 -25.22 -6.47 10.02
N THR B 199 -25.08 -7.64 10.67
CA THR B 199 -24.50 -8.82 10.04
C THR B 199 -25.47 -10.00 10.01
N ASP B 200 -26.53 -9.95 10.83
CA ASP B 200 -27.45 -11.08 10.95
C ASP B 200 -28.35 -11.14 9.73
N ALA B 201 -28.49 -12.33 9.17
CA ALA B 201 -29.24 -12.48 7.92
C ALA B 201 -30.66 -11.97 8.06
N ASP B 202 -31.31 -12.35 9.15
CA ASP B 202 -32.71 -11.93 9.39
C ASP B 202 -32.82 -10.43 9.57
N GLU B 203 -31.85 -9.84 10.27
CA GLU B 203 -31.81 -8.36 10.43
C GLU B 203 -31.61 -7.65 9.06
N ILE B 204 -30.68 -8.17 8.27
CA ILE B 204 -30.47 -7.63 6.91
C ILE B 204 -31.70 -7.71 6.02
N ALA B 205 -32.37 -8.85 6.00
CA ALA B 205 -33.58 -8.98 5.18
C ALA B 205 -34.67 -7.98 5.59
N ALA B 206 -34.78 -7.70 6.87
CA ALA B 206 -35.73 -6.71 7.38
C ALA B 206 -35.36 -5.30 6.94
N VAL B 207 -34.09 -5.00 6.97
CA VAL B 207 -33.60 -3.71 6.40
C VAL B 207 -33.97 -3.57 4.91
N THR B 208 -33.67 -4.57 4.10
CA THR B 208 -33.89 -4.41 2.66
C THR B 208 -35.39 -4.34 2.36
N ARG B 209 -36.19 -5.14 3.05
CA ARG B 209 -37.64 -5.07 2.84
C ARG B 209 -38.24 -3.70 3.19
N ALA B 210 -37.87 -3.18 4.35
CA ALA B 210 -38.35 -1.86 4.79
C ALA B 210 -37.84 -0.70 3.94
N VAL B 211 -36.59 -0.76 3.52
CA VAL B 211 -35.98 0.34 2.77
C VAL B 211 -36.42 0.33 1.30
N GLY B 212 -36.47 -0.85 0.68
CA GLY B 212 -36.88 -1.00 -0.72
C GLY B 212 -35.81 -0.54 -1.73
N ALA B 213 -35.34 0.69 -1.60
CA ALA B 213 -34.23 1.23 -2.39
C ALA B 213 -32.95 0.39 -2.14
N PRO B 214 -31.93 0.54 -2.97
CA PRO B 214 -30.74 -0.29 -2.82
C PRO B 214 -30.10 -0.19 -1.44
N VAL B 215 -29.65 -1.32 -0.94
CA VAL B 215 -28.92 -1.39 0.34
C VAL B 215 -27.51 -1.95 0.10
N ASN B 216 -26.51 -1.32 0.74
CA ASN B 216 -25.14 -1.84 0.75
C ASN B 216 -24.96 -2.52 2.09
N VAL B 217 -24.32 -3.68 2.08
CA VAL B 217 -23.91 -4.39 3.29
C VAL B 217 -22.39 -4.58 3.20
N VAL B 218 -21.70 -4.34 4.31
CA VAL B 218 -20.25 -4.55 4.37
C VAL B 218 -19.98 -5.91 4.99
N MET B 219 -19.01 -6.61 4.43
CA MET B 219 -18.60 -7.87 4.92
C MET B 219 -17.16 -7.77 5.42
N GLY B 220 -16.92 -8.44 6.55
CA GLY B 220 -15.60 -8.59 7.14
C GLY B 220 -15.20 -7.57 8.18
N LEU B 221 -16.15 -6.76 8.64
CA LEU B 221 -15.88 -5.63 9.55
C LEU B 221 -16.01 -6.16 10.96
N GLN B 222 -17.10 -6.88 11.22
CA GLN B 222 -17.31 -7.51 12.52
C GLN B 222 -17.86 -8.91 12.26
N GLY B 223 -18.67 -9.41 13.21
CA GLY B 223 -19.53 -10.61 13.09
C GLY B 223 -19.27 -11.71 12.09
N GLY B 224 -20.35 -12.33 11.61
CA GLY B 224 -20.26 -13.47 10.70
C GLY B 224 -20.25 -13.10 9.22
N LEU B 225 -20.00 -14.11 8.40
CA LEU B 225 -19.82 -13.91 6.97
C LEU B 225 -21.00 -14.50 6.19
N LEU B 226 -21.38 -13.78 5.14
CA LEU B 226 -22.36 -14.27 4.19
C LEU B 226 -21.75 -14.13 2.76
N SER B 227 -22.19 -14.99 1.83
CA SER B 227 -21.72 -14.92 0.50
C SER B 227 -22.52 -13.88 -0.24
N LEU B 228 -22.01 -13.47 -1.36
CA LEU B 228 -22.75 -12.54 -2.23
C LEU B 228 -24.13 -13.09 -2.66
N ASP B 229 -24.20 -14.40 -2.95
CA ASP B 229 -25.44 -15.02 -3.29
C ASP B 229 -26.41 -15.02 -2.10
N GLU B 230 -25.94 -15.31 -0.88
CA GLU B 230 -26.79 -15.26 0.31
C GLU B 230 -27.30 -13.85 0.46
N LEU B 231 -26.42 -12.88 0.28
CA LEU B 231 -26.85 -11.48 0.45
C LEU B 231 -27.85 -11.07 -0.61
N ALA B 232 -27.67 -11.51 -1.84
CA ALA B 232 -28.63 -11.23 -2.87
C ALA B 232 -30.03 -11.82 -2.50
N ALA B 233 -30.05 -13.00 -1.90
CA ALA B 233 -31.31 -13.66 -1.50
C ALA B 233 -32.01 -12.92 -0.36
N LEU B 234 -31.21 -12.19 0.45
CA LEU B 234 -31.74 -11.31 1.50
C LEU B 234 -32.14 -9.91 0.94
N GLY B 235 -31.97 -9.70 -0.36
CA GLY B 235 -32.43 -8.49 -1.00
C GLY B 235 -31.42 -7.36 -1.05
N VAL B 236 -30.18 -7.66 -0.67
CA VAL B 236 -29.09 -6.73 -0.75
C VAL B 236 -28.73 -6.46 -2.19
N LYS B 237 -28.36 -5.20 -2.46
CA LYS B 237 -27.93 -4.83 -3.81
C LYS B 237 -26.39 -4.70 -4.00
N ARG B 238 -25.72 -4.23 -2.99
CA ARG B 238 -24.28 -3.91 -3.04
C ARG B 238 -23.57 -4.43 -1.83
N VAL B 239 -22.39 -5.01 -2.04
CA VAL B 239 -21.63 -5.53 -0.95
C VAL B 239 -20.21 -4.97 -1.04
N SER B 240 -19.80 -4.31 0.02
CA SER B 240 -18.48 -3.71 0.13
C SER B 240 -17.65 -4.42 1.24
N VAL B 241 -16.36 -4.04 1.36
CA VAL B 241 -15.50 -4.67 2.34
C VAL B 241 -14.69 -3.72 3.28
N GLY B 242 -14.97 -2.43 3.22
CA GLY B 242 -14.29 -1.47 4.08
C GLY B 242 -12.78 -1.68 4.00
N GLY B 243 -12.14 -1.71 5.15
CA GLY B 243 -10.65 -1.88 5.20
C GLY B 243 -10.17 -3.32 5.12
N ALA B 244 -11.05 -4.28 4.82
CA ALA B 244 -10.67 -5.69 4.94
C ALA B 244 -9.65 -6.15 3.95
N LEU B 245 -9.66 -5.59 2.75
CA LEU B 245 -8.59 -5.93 1.81
C LEU B 245 -7.23 -5.42 2.33
N ALA B 246 -7.20 -4.18 2.82
CA ALA B 246 -5.97 -3.62 3.39
C ALA B 246 -5.52 -4.50 4.57
N ARG B 247 -6.45 -4.98 5.38
CA ARG B 247 -6.12 -5.80 6.52
C ARG B 247 -5.70 -7.22 6.06
N ALA B 248 -6.26 -7.74 4.97
CA ALA B 248 -5.75 -8.98 4.42
C ALA B 248 -4.26 -8.84 4.01
N ALA B 249 -3.96 -7.77 3.32
CA ALA B 249 -2.58 -7.54 2.86
C ALA B 249 -1.63 -7.46 4.08
N LEU B 250 -2.09 -6.72 5.08
CA LEU B 250 -1.32 -6.51 6.28
C LEU B 250 -1.16 -7.80 7.09
N GLY B 251 -2.15 -8.68 7.08
CA GLY B 251 -2.01 -9.99 7.76
C GLY B 251 -0.90 -10.77 7.08
N ALA B 252 -0.84 -10.71 5.76
CA ALA B 252 0.22 -11.47 5.08
C ALA B 252 1.57 -10.84 5.35
N PHE B 253 1.60 -9.52 5.22
CA PHE B 253 2.83 -8.74 5.61
C PHE B 253 3.32 -9.09 7.02
N LEU B 254 2.39 -9.12 7.98
CA LEU B 254 2.78 -9.47 9.38
C LEU B 254 3.25 -10.91 9.51
N ARG B 255 2.61 -11.84 8.80
CA ARG B 255 3.12 -13.22 8.87
C ARG B 255 4.55 -13.35 8.33
N ALA B 256 4.85 -12.57 7.31
CA ALA B 256 6.22 -12.54 6.74
C ALA B 256 7.22 -11.94 7.73
N ALA B 257 6.85 -10.80 8.33
CA ALA B 257 7.67 -10.14 9.37
C ALA B 257 8.04 -11.09 10.51
N THR B 258 7.04 -11.85 10.96
CA THR B 258 7.15 -12.79 12.06
C THR B 258 8.07 -13.94 11.67
N GLU B 259 7.92 -14.45 10.45
CA GLU B 259 8.78 -15.54 10.00
C GLU B 259 10.21 -15.02 10.01
N MET B 260 10.44 -13.81 9.48
CA MET B 260 11.80 -13.31 9.42
C MET B 260 12.41 -13.10 10.79
N ARG B 261 11.64 -12.51 11.70
CA ARG B 261 12.16 -12.24 13.06
C ARG B 261 12.41 -13.50 13.84
N ARG B 262 11.46 -14.44 13.81
CA ARG B 262 11.53 -15.66 14.58
C ARG B 262 12.47 -16.71 13.96
N ASP B 263 12.38 -16.96 12.66
CA ASP B 263 13.13 -18.03 12.04
C ASP B 263 14.30 -17.60 11.21
N GLY B 264 14.32 -16.36 10.75
CA GLY B 264 15.33 -15.93 9.77
C GLY B 264 15.13 -16.53 8.37
N THR B 265 13.89 -16.87 8.03
CA THR B 265 13.58 -17.50 6.75
C THR B 265 12.60 -16.62 5.94
N PHE B 266 12.54 -16.90 4.64
CA PHE B 266 11.85 -16.09 3.67
C PHE B 266 10.86 -16.87 2.82
N THR B 267 10.33 -17.95 3.38
CA THR B 267 9.45 -18.84 2.60
C THR B 267 8.13 -18.14 2.28
N PHE B 268 7.81 -17.10 3.04
CA PHE B 268 6.68 -16.29 2.70
C PHE B 268 6.68 -15.79 1.22
N THR B 269 7.88 -15.71 0.60
CA THR B 269 8.07 -15.16 -0.68
C THR B 269 7.52 -16.09 -1.75
N GLN B 270 7.34 -17.37 -1.41
CA GLN B 270 6.85 -18.37 -2.34
C GLN B 270 5.41 -18.07 -2.77
N ALA B 271 4.58 -17.58 -1.86
CA ALA B 271 3.20 -17.16 -2.23
C ALA B 271 3.04 -15.73 -2.77
N ALA B 272 4.09 -14.95 -2.80
CA ALA B 272 4.05 -13.60 -3.33
C ALA B 272 3.77 -13.58 -4.83
N VAL B 273 3.17 -12.51 -5.30
CA VAL B 273 3.02 -12.40 -6.74
C VAL B 273 4.42 -12.24 -7.37
N PRO B 274 4.75 -13.03 -8.38
CA PRO B 274 6.09 -12.87 -8.96
C PRO B 274 6.30 -11.48 -9.60
N GLY B 275 7.48 -10.94 -9.40
CA GLY B 275 7.81 -9.65 -9.96
C GLY B 275 7.57 -9.58 -11.43
N ARG B 276 7.87 -10.68 -12.11
CA ARG B 276 7.73 -10.71 -13.57
C ARG B 276 6.27 -10.39 -14.05
N ASP B 277 5.32 -10.98 -13.37
CA ASP B 277 3.91 -10.82 -13.68
C ASP B 277 3.41 -9.39 -13.41
N ILE B 278 3.68 -8.88 -12.21
CA ILE B 278 3.19 -7.55 -11.80
C ILE B 278 3.87 -6.46 -12.65
N ASN B 279 5.17 -6.60 -12.95
CA ASN B 279 5.78 -5.67 -13.89
C ASN B 279 5.18 -5.70 -15.28
N ARG B 280 4.78 -6.88 -15.75
CA ARG B 280 4.10 -7.00 -17.05
C ARG B 280 2.74 -6.33 -16.98
N TRP B 281 1.93 -6.70 -15.99
CA TRP B 281 0.60 -6.09 -15.86
C TRP B 281 0.66 -4.54 -15.75
N PHE B 282 1.53 -3.99 -14.89
CA PHE B 282 1.57 -2.55 -14.71
C PHE B 282 2.22 -1.80 -15.86
N ALA B 283 3.00 -2.49 -16.70
CA ALA B 283 3.48 -1.94 -17.95
C ALA B 283 2.38 -1.64 -18.97
N ALA B 284 1.24 -2.31 -18.86
CA ALA B 284 0.14 -2.05 -19.80
C ALA B 284 -0.43 -0.65 -19.60
N PRO B 285 -0.94 -0.04 -20.67
CA PRO B 285 -1.45 1.33 -20.56
C PRO B 285 -2.89 1.40 -20.06
N ASP B 286 -3.50 0.25 -19.78
CA ASP B 286 -4.85 0.19 -19.23
C ASP B 286 -4.98 -1.01 -18.31
N ASN B 287 -6.18 -1.25 -17.82
CA ASN B 287 -6.39 -2.31 -16.86
C ASN B 287 -7.22 -3.46 -17.41
N SER B 288 -7.07 -3.79 -18.71
CA SER B 288 -7.78 -4.94 -19.32
C SER B 288 -7.63 -6.19 -18.46
N PRO B 289 -8.74 -6.91 -18.22
CA PRO B 289 -8.60 -8.25 -17.64
C PRO B 289 -7.65 -9.14 -18.45
N ILE B 290 -6.68 -9.74 -17.75
CA ILE B 290 -5.41 -10.21 -18.34
C ILE B 290 -4.38 -10.49 -17.25
#